data_2I2D
#
_entry.id   2I2D
#
_cell.length_a   62.481
_cell.length_b   75.851
_cell.length_c   118.350
_cell.angle_alpha   90.00
_cell.angle_beta   90.00
_cell.angle_gamma   90.00
#
_symmetry.space_group_name_H-M   'I 2 2 2'
#
loop_
_entity.id
_entity.type
_entity.pdbx_description
1 polymer 'Probable inorganic polyphosphate/ATP-NAD kinase 1'
2 non-polymer 'BIS{[(2R,3S,4R,5R)-5-(6-AMINO-9H-PURIN-9-YL)-3,4-DIHYDROXYTETRAHYDROFURAN-2-YL]METHYL} DIHYDROGEN DIPHOSPHATE'
3 non-polymer 'CITRIC ACID'
4 water water
#
_entity_poly.entity_id   1
_entity_poly.type   'polypeptide(L)'
_entity_poly.pdbx_seq_one_letter_code
;MKYMITSKGDEKSDLLRLNMIAGFGEYDMEYDDVEPEIVISIGGDGTFLSAFHQYEERLDEIAFIGIHTGHLGFYADWRP
AEADKLVKLLAKGEYQKVSYPLLKTTVKYGIGKKEATYLALNESTVKSSGGPFVVDVVINDIHFERFRGDGLCMSTPSGT
TAYNKSLGGALMHPSIEAMQLTEMASINNRVYRTIGSPLVFPKHHVVSLQPVNDKDFQISVDHLSILHRDVQEIRYEVSA
KKIHFARFRSFPFWRRVHDSFIEDLEHHHHHH
;
_entity_poly.pdbx_strand_id   A
#
loop_
_chem_comp.id
_chem_comp.type
_chem_comp.name
_chem_comp.formula
A2D non-polymer 'BIS{[(2R,3S,4R,5R)-5-(6-AMINO-9H-PURIN-9-YL)-3,4-DIHYDROXYTETRAHYDROFURAN-2-YL]METHYL} DIHYDROGEN DIPHOSPHATE' 'C20 H26 N10 O13 P2'
CIT non-polymer 'CITRIC ACID' 'C6 H8 O7'
#
# COMPACT_ATOMS: atom_id res chain seq x y z
N MET A 1 -10.57 19.27 -15.79
CA MET A 1 -10.75 18.00 -15.03
C MET A 1 -11.09 18.28 -13.57
N LYS A 2 -11.87 17.38 -12.97
CA LYS A 2 -12.11 17.44 -11.52
C LYS A 2 -10.84 16.99 -10.79
N TYR A 3 -10.56 17.63 -9.65
CA TYR A 3 -9.37 17.37 -8.85
C TYR A 3 -9.64 17.74 -7.40
N MET A 4 -8.85 17.17 -6.49
CA MET A 4 -8.85 17.60 -5.10
C MET A 4 -7.41 17.47 -4.58
N ILE A 5 -7.14 18.09 -3.44
CA ILE A 5 -5.83 18.04 -2.82
C ILE A 5 -6.00 17.75 -1.32
N THR A 6 -5.30 16.73 -0.83
CA THR A 6 -5.22 16.48 0.61
C THR A 6 -3.92 17.08 1.11
N SER A 7 -3.92 17.48 2.36
CA SER A 7 -2.74 18.07 2.97
C SER A 7 -2.44 17.37 4.29
N LYS A 8 -1.14 17.22 4.57
CA LYS A 8 -0.65 16.80 5.88
C LYS A 8 -1.16 17.70 7.01
N GLY A 9 -1.72 18.86 6.64
CA GLY A 9 -2.39 19.72 7.61
C GLY A 9 -1.48 20.55 8.48
N ASP A 10 -0.19 20.56 8.18
CA ASP A 10 0.74 21.52 8.76
C ASP A 10 0.79 22.79 7.89
N GLU A 11 1.52 23.80 8.36
CA GLU A 11 1.61 25.11 7.68
C GLU A 11 2.15 25.05 6.25
N LYS A 12 3.35 24.50 6.05
CA LYS A 12 3.94 24.35 4.72
C LYS A 12 2.97 23.71 3.72
N SER A 13 2.27 22.66 4.15
CA SER A 13 1.44 21.85 3.27
C SER A 13 0.11 22.52 2.91
N ASP A 14 -0.52 23.14 3.90
CA ASP A 14 -1.78 23.87 3.71
C ASP A 14 -1.59 25.04 2.74
N LEU A 15 -0.51 25.80 2.94
CA LEU A 15 -0.15 26.93 2.10
C LEU A 15 0.19 26.49 0.68
N LEU A 16 0.87 25.36 0.55
CA LEU A 16 1.20 24.84 -0.77
C LEU A 16 -0.06 24.40 -1.51
N ARG A 17 -0.99 23.79 -0.78
CA ARG A 17 -2.30 23.39 -1.31
C ARG A 17 -3.09 24.63 -1.79
N LEU A 18 -3.16 25.68 -0.99
CA LEU A 18 -3.89 26.90 -1.41
C LEU A 18 -3.31 27.55 -2.68
N ASN A 19 -1.99 27.56 -2.82
CA ASN A 19 -1.34 28.08 -4.03
C ASN A 19 -1.58 27.28 -5.31
N MET A 20 -1.63 25.95 -5.19
CA MET A 20 -1.98 25.08 -6.29
C MET A 20 -3.42 25.28 -6.72
N ILE A 21 -4.34 25.31 -5.75
CA ILE A 21 -5.75 25.65 -6.01
C ILE A 21 -5.87 26.98 -6.76
N ALA A 22 -5.19 28.01 -6.26
CA ALA A 22 -5.17 29.32 -6.94
C ALA A 22 -4.58 29.21 -8.38
N GLY A 23 -3.46 28.51 -8.52
CA GLY A 23 -2.90 28.22 -9.83
C GLY A 23 -3.87 27.48 -10.75
N PHE A 24 -4.60 26.53 -10.18
CA PHE A 24 -5.62 25.76 -10.91
C PHE A 24 -6.80 26.63 -11.34
N GLY A 25 -7.11 27.66 -10.57
CA GLY A 25 -8.14 28.62 -10.91
C GLY A 25 -7.96 29.25 -12.29
N GLU A 26 -6.70 29.30 -12.75
CA GLU A 26 -6.35 29.91 -14.04
C GLU A 26 -6.54 28.97 -15.23
N TYR A 27 -7.07 27.78 -14.95
CA TYR A 27 -7.37 26.75 -15.95
C TYR A 27 -8.78 26.23 -15.65
N ASP A 28 -9.27 25.26 -16.41
CA ASP A 28 -10.56 24.67 -16.07
C ASP A 28 -10.66 23.17 -16.32
N MET A 29 -10.67 22.34 -15.26
CA MET A 29 -10.04 22.61 -13.94
C MET A 29 -10.89 23.16 -12.75
N GLU A 30 -11.74 22.28 -12.22
CA GLU A 30 -12.52 22.57 -11.00
C GLU A 30 -12.22 21.61 -9.84
N TYR A 31 -12.23 22.16 -8.63
CA TYR A 31 -12.08 21.39 -7.40
C TYR A 31 -13.35 20.60 -7.08
N ASP A 32 -13.18 19.30 -6.87
CA ASP A 32 -14.28 18.41 -6.44
C ASP A 32 -13.69 17.23 -5.69
N ASP A 33 -13.98 17.18 -4.38
CA ASP A 33 -13.46 16.10 -3.53
C ASP A 33 -14.45 14.94 -3.38
N VAL A 34 -15.55 14.98 -4.13
CA VAL A 34 -16.48 13.83 -4.18
C VAL A 34 -16.12 12.86 -5.32
N GLU A 35 -15.96 13.40 -6.52
CA GLU A 35 -15.56 12.60 -7.70
C GLU A 35 -14.40 13.23 -8.50
N PRO A 36 -13.20 13.34 -7.90
CA PRO A 36 -12.03 13.83 -8.63
C PRO A 36 -11.51 12.83 -9.65
N GLU A 37 -10.83 13.32 -10.69
CA GLU A 37 -10.11 12.44 -11.62
C GLU A 37 -8.63 12.49 -11.28
N ILE A 38 -8.24 13.54 -10.57
CA ILE A 38 -6.89 13.76 -10.10
C ILE A 38 -6.94 13.99 -8.60
N VAL A 39 -6.14 13.22 -7.87
CA VAL A 39 -6.02 13.38 -6.43
C VAL A 39 -4.56 13.73 -6.12
N ILE A 40 -4.34 14.93 -5.57
CA ILE A 40 -2.99 15.35 -5.22
C ILE A 40 -2.78 15.29 -3.70
N SER A 41 -1.72 14.60 -3.30
CA SER A 41 -1.40 14.46 -1.90
C SER A 41 -0.17 15.31 -1.59
N ILE A 42 -0.28 16.17 -0.58
CA ILE A 42 0.86 16.98 -0.14
C ILE A 42 1.19 16.63 1.29
N GLY A 43 2.40 16.16 1.50
CA GLY A 43 2.85 15.73 2.81
C GLY A 43 3.83 14.58 2.62
N GLY A 44 3.60 13.48 3.34
CA GLY A 44 4.46 12.31 3.25
C GLY A 44 3.76 11.13 2.61
N ASP A 45 4.34 9.96 2.82
CA ASP A 45 3.76 8.72 2.32
C ASP A 45 2.50 8.32 3.08
N GLY A 46 2.47 8.61 4.39
CA GLY A 46 1.27 8.48 5.21
C GLY A 46 0.12 9.32 4.70
N THR A 47 0.40 10.57 4.30
CA THR A 47 -0.61 11.44 3.67
C THR A 47 -1.10 10.80 2.40
N PHE A 48 -0.17 10.28 1.60
CA PHE A 48 -0.54 9.62 0.36
C PHE A 48 -1.38 8.36 0.58
N LEU A 49 -0.99 7.53 1.56
CA LEU A 49 -1.76 6.34 1.94
C LEU A 49 -3.20 6.68 2.32
N SER A 50 -3.37 7.75 3.11
CA SER A 50 -4.69 8.25 3.49
C SER A 50 -5.53 8.69 2.28
N ALA A 51 -4.88 9.36 1.33
CA ALA A 51 -5.51 9.83 0.11
C ALA A 51 -6.02 8.65 -0.69
N PHE A 52 -5.18 7.62 -0.83
CA PHE A 52 -5.53 6.37 -1.48
C PHE A 52 -6.77 5.71 -0.86
N HIS A 53 -6.77 5.62 0.47
CA HIS A 53 -7.83 4.96 1.21
C HIS A 53 -9.11 5.78 1.30
N GLN A 54 -8.98 7.10 1.13
CA GLN A 54 -10.13 7.96 0.97
C GLN A 54 -10.91 7.61 -0.32
N TYR A 55 -10.19 7.35 -1.42
CA TYR A 55 -10.82 7.19 -2.73
C TYR A 55 -10.68 5.78 -3.31
N GLU A 56 -10.68 4.78 -2.45
CA GLU A 56 -10.42 3.40 -2.86
C GLU A 56 -11.58 2.78 -3.66
N GLU A 57 -12.78 3.36 -3.51
CA GLU A 57 -13.93 2.98 -4.32
C GLU A 57 -13.88 3.53 -5.75
N ARG A 58 -12.92 4.42 -6.01
CA ARG A 58 -12.82 5.19 -7.26
C ARG A 58 -11.46 5.04 -7.96
N LEU A 59 -10.79 3.92 -7.73
CA LEU A 59 -9.41 3.75 -8.18
C LEU A 59 -9.27 3.71 -9.68
N ASP A 60 -10.26 3.16 -10.36
CA ASP A 60 -10.26 3.08 -11.82
C ASP A 60 -10.45 4.47 -12.47
N GLU A 61 -11.04 5.40 -11.73
CA GLU A 61 -11.34 6.74 -12.23
C GLU A 61 -10.28 7.81 -11.89
N ILE A 62 -9.38 7.49 -10.96
CA ILE A 62 -8.44 8.49 -10.40
C ILE A 62 -6.98 8.26 -10.80
N ALA A 63 -6.28 9.34 -11.11
CA ALA A 63 -4.81 9.35 -11.18
C ALA A 63 -4.27 10.16 -10.00
N PHE A 64 -3.47 9.49 -9.17
CA PHE A 64 -2.88 10.06 -7.96
C PHE A 64 -1.54 10.72 -8.25
N ILE A 65 -1.23 11.79 -7.50
CA ILE A 65 0.08 12.46 -7.54
C ILE A 65 0.47 12.78 -6.10
N GLY A 66 1.75 12.61 -5.78
CA GLY A 66 2.25 13.00 -4.46
C GLY A 66 3.32 14.08 -4.48
N ILE A 67 3.16 15.07 -3.60
CA ILE A 67 4.20 16.05 -3.31
C ILE A 67 4.72 15.78 -1.90
N HIS A 68 6.04 15.72 -1.74
CA HIS A 68 6.65 15.51 -0.43
C HIS A 68 7.22 16.79 0.21
N THR A 69 6.65 17.19 1.34
CA THR A 69 7.12 18.40 2.05
C THR A 69 8.06 18.10 3.21
N GLY A 73 10.00 10.17 0.11
CA GLY A 73 8.68 9.78 -0.41
C GLY A 73 8.78 8.79 -1.57
N PHE A 74 8.25 7.59 -1.38
CA PHE A 74 8.12 6.63 -2.48
C PHE A 74 6.87 6.86 -3.31
N TYR A 75 5.83 7.41 -2.69
CA TYR A 75 4.65 7.79 -3.46
C TYR A 75 4.66 9.28 -3.89
N ALA A 76 5.54 10.07 -3.27
CA ALA A 76 6.06 11.34 -3.85
C ALA A 76 7.44 11.07 -4.51
N ASP A 77 8.07 11.99 -5.22
CA ASP A 77 7.60 12.45 -6.53
C ASP A 77 7.74 13.88 -6.99
N TRP A 78 7.28 14.80 -6.17
CA TRP A 78 7.49 16.20 -6.48
C TRP A 78 7.93 16.91 -5.21
N ARG A 79 8.94 17.77 -5.35
CA ARG A 79 9.35 18.66 -4.28
C ARG A 79 8.36 19.81 -4.29
N PRO A 80 8.21 20.48 -3.15
CA PRO A 80 7.30 21.63 -3.01
C PRO A 80 7.61 22.82 -3.93
N ALA A 81 8.87 22.94 -4.38
CA ALA A 81 9.26 24.03 -5.27
C ALA A 81 8.83 23.75 -6.71
N GLU A 82 8.52 22.50 -7.02
CA GLU A 82 8.09 22.10 -8.36
C GLU A 82 6.59 22.23 -8.57
N ALA A 83 5.88 22.74 -7.55
CA ALA A 83 4.42 22.74 -7.55
C ALA A 83 3.78 23.51 -8.70
N ASP A 84 4.36 24.67 -9.06
CA ASP A 84 3.82 25.50 -10.15
C ASP A 84 3.93 24.81 -11.50
N LYS A 85 5.05 24.11 -11.73
CA LYS A 85 5.26 23.34 -12.95
C LYS A 85 4.27 22.18 -13.02
N LEU A 86 3.96 21.60 -11.87
CA LEU A 86 2.99 20.52 -11.74
C LEU A 86 1.55 20.96 -12.11
N VAL A 87 1.14 22.14 -11.63
CA VAL A 87 -0.16 22.75 -11.98
C VAL A 87 -0.33 22.87 -13.50
N LYS A 88 0.65 23.48 -14.16
CA LYS A 88 0.62 23.70 -15.61
C LYS A 88 0.57 22.37 -16.35
N LEU A 89 1.52 21.49 -16.06
CA LEU A 89 1.62 20.20 -16.75
C LEU A 89 0.31 19.41 -16.59
N LEU A 90 -0.22 19.41 -15.36
CA LEU A 90 -1.47 18.74 -15.00
C LEU A 90 -2.69 19.37 -15.67
N ALA A 91 -2.67 20.70 -15.81
CA ALA A 91 -3.72 21.44 -16.51
C ALA A 91 -3.73 21.13 -18.00
N LYS A 92 -2.56 21.09 -18.62
CA LYS A 92 -2.43 20.83 -20.06
C LYS A 92 -2.57 19.35 -20.45
N GLY A 93 -2.77 18.49 -19.44
CA GLY A 93 -2.94 17.04 -19.64
C GLY A 93 -1.73 16.35 -20.25
N GLU A 94 -0.55 16.82 -19.87
CA GLU A 94 0.72 16.37 -20.46
C GLU A 94 1.32 15.21 -19.65
N TYR A 95 0.52 14.18 -19.44
CA TYR A 95 0.93 13.06 -18.59
C TYR A 95 0.47 11.70 -19.07
N GLN A 96 1.32 10.71 -18.82
CA GLN A 96 0.99 9.32 -19.05
C GLN A 96 0.74 8.65 -17.69
N LYS A 97 -0.01 7.55 -17.70
CA LYS A 97 -0.36 6.87 -16.47
C LYS A 97 0.42 5.58 -16.25
N VAL A 98 0.81 5.35 -15.01
CA VAL A 98 1.47 4.13 -14.58
C VAL A 98 0.58 3.48 -13.50
N SER A 99 0.49 2.15 -13.54
CA SER A 99 -0.32 1.40 -12.59
C SER A 99 0.53 0.48 -11.70
N TYR A 100 0.21 0.45 -10.41
CA TYR A 100 0.85 -0.49 -9.48
C TYR A 100 -0.21 -1.46 -8.96
N PRO A 101 0.21 -2.71 -8.68
CA PRO A 101 -0.66 -3.72 -8.06
C PRO A 101 -0.96 -3.46 -6.59
N LEU A 102 -2.09 -3.99 -6.14
CA LEU A 102 -2.56 -3.85 -4.78
C LEU A 102 -2.84 -5.26 -4.26
N LEU A 103 -2.95 -5.37 -2.94
CA LEU A 103 -3.24 -6.62 -2.25
C LEU A 103 -4.65 -6.61 -1.71
N LYS A 104 -5.40 -7.67 -2.01
CA LYS A 104 -6.72 -7.88 -1.43
C LYS A 104 -6.58 -8.73 -0.18
N THR A 105 -7.13 -8.23 0.93
CA THR A 105 -7.24 -9.01 2.16
C THR A 105 -8.71 -9.37 2.39
N THR A 106 -8.99 -10.64 2.65
CA THR A 106 -10.34 -11.05 3.04
C THR A 106 -10.32 -11.66 4.44
N VAL A 107 -11.16 -11.12 5.31
CA VAL A 107 -11.31 -11.65 6.66
C VAL A 107 -12.68 -12.28 6.81
N LYS A 108 -12.69 -13.59 7.05
CA LYS A 108 -13.92 -14.35 7.25
C LYS A 108 -14.14 -14.67 8.73
N TYR A 109 -15.40 -14.64 9.14
CA TYR A 109 -15.84 -15.01 10.48
C TYR A 109 -16.83 -16.18 10.37
N GLU A 115 -17.89 -11.66 6.10
CA GLU A 115 -16.72 -11.47 5.26
C GLU A 115 -16.41 -9.98 5.15
N ALA A 116 -15.18 -9.60 5.49
CA ALA A 116 -14.72 -8.24 5.27
C ALA A 116 -13.54 -8.22 4.29
N THR A 117 -13.54 -7.22 3.41
CA THR A 117 -12.60 -7.10 2.33
C THR A 117 -11.89 -5.73 2.40
N TYR A 118 -10.55 -5.75 2.24
CA TYR A 118 -9.70 -4.53 2.33
C TYR A 118 -8.70 -4.50 1.19
N LEU A 119 -8.35 -3.30 0.72
CA LEU A 119 -7.22 -3.10 -0.20
C LEU A 119 -6.04 -2.44 0.50
N ALA A 120 -4.85 -2.97 0.26
CA ALA A 120 -3.63 -2.37 0.77
C ALA A 120 -2.77 -1.91 -0.39
N LEU A 121 -2.09 -0.79 -0.20
CA LEU A 121 -1.13 -0.26 -1.17
C LEU A 121 0.29 -0.60 -0.69
N ASN A 122 0.46 -0.66 0.63
CA ASN A 122 1.72 -1.11 1.20
C ASN A 122 1.64 -2.59 1.61
N GLU A 123 0.87 -2.91 2.64
CA GLU A 123 0.86 -4.27 3.17
C GLU A 123 -0.30 -4.51 4.13
N SER A 124 -0.52 -5.79 4.41
CA SER A 124 -1.42 -6.18 5.50
C SER A 124 -0.66 -7.13 6.38
N THR A 125 -0.77 -6.94 7.69
CA THR A 125 -0.09 -7.82 8.63
C THR A 125 -1.07 -8.43 9.63
N VAL A 126 -0.65 -9.55 10.22
CA VAL A 126 -1.44 -10.25 11.22
C VAL A 126 -0.55 -10.54 12.41
N LYS A 127 -1.05 -10.15 13.59
CA LYS A 127 -0.44 -10.50 14.88
C LYS A 127 -1.56 -11.04 15.77
N SER A 128 -1.22 -11.52 16.95
CA SER A 128 -2.24 -11.96 17.90
C SER A 128 -2.63 -10.80 18.79
N SER A 129 -3.74 -10.96 19.50
CA SER A 129 -4.18 -10.00 20.51
C SER A 129 -3.31 -10.07 21.78
N GLY A 130 -2.57 -11.17 21.94
CA GLY A 130 -1.46 -11.25 22.91
C GLY A 130 -1.60 -12.11 24.16
N GLY A 131 -1.58 -13.44 24.01
CA GLY A 131 -1.61 -14.14 22.73
C GLY A 131 -0.29 -14.54 22.10
N PRO A 132 0.04 -15.83 22.15
CA PRO A 132 0.96 -16.42 21.18
C PRO A 132 0.28 -16.49 19.81
N PHE A 133 1.02 -16.17 18.76
CA PHE A 133 0.48 -16.20 17.43
C PHE A 133 0.83 -17.54 16.80
N VAL A 134 -0.19 -18.33 16.46
CA VAL A 134 -0.05 -19.60 15.74
C VAL A 134 -1.11 -19.68 14.64
N VAL A 135 -0.70 -19.80 13.39
CA VAL A 135 -1.65 -20.00 12.30
C VAL A 135 -1.15 -21.06 11.34
N ASP A 136 -2.07 -21.68 10.62
CA ASP A 136 -1.74 -22.61 9.56
C ASP A 136 -1.72 -21.85 8.25
N VAL A 137 -0.62 -21.97 7.50
CA VAL A 137 -0.50 -21.28 6.21
C VAL A 137 -0.87 -22.24 5.06
N VAL A 138 -1.90 -21.86 4.32
CA VAL A 138 -2.45 -22.69 3.26
C VAL A 138 -2.32 -21.94 1.93
N ILE A 139 -1.48 -22.47 1.03
CA ILE A 139 -1.29 -21.89 -0.29
C ILE A 139 -2.07 -22.68 -1.33
N ASN A 140 -2.97 -22.03 -2.06
CA ASN A 140 -3.81 -22.71 -3.06
C ASN A 140 -4.41 -24.02 -2.55
N ASP A 141 -4.97 -23.95 -1.35
CA ASP A 141 -5.60 -25.09 -0.69
C ASP A 141 -4.62 -26.14 -0.11
N ILE A 142 -3.34 -26.06 -0.44
CA ILE A 142 -2.33 -26.97 0.11
C ILE A 142 -1.75 -26.43 1.42
N HIS A 143 -1.74 -27.28 2.45
CA HIS A 143 -1.17 -26.89 3.75
CA HIS A 143 -1.19 -26.92 3.75
C HIS A 143 0.34 -26.80 3.67
N PHE A 144 0.84 -25.59 3.86
CA PHE A 144 2.26 -25.30 3.69
C PHE A 144 3.11 -25.36 4.96
N GLU A 145 2.61 -24.76 6.05
CA GLU A 145 3.39 -24.68 7.29
C GLU A 145 2.47 -24.27 8.42
N ARG A 146 2.82 -24.65 9.64
CA ARG A 146 2.22 -24.04 10.82
C ARG A 146 3.18 -22.97 11.33
N PHE A 147 2.75 -21.70 11.26
CA PHE A 147 3.60 -20.58 11.68
C PHE A 147 3.44 -20.25 13.16
N ARG A 148 4.54 -20.27 13.89
CA ARG A 148 4.55 -19.77 15.27
C ARG A 148 5.55 -18.64 15.36
N GLY A 149 5.14 -17.51 15.90
CA GLY A 149 6.01 -16.34 16.01
C GLY A 149 5.23 -15.10 16.37
N ASP A 150 5.72 -13.94 15.96
CA ASP A 150 5.05 -12.65 16.26
C ASP A 150 3.95 -12.28 15.26
N GLY A 151 4.11 -12.69 14.01
CA GLY A 151 3.13 -12.36 13.00
C GLY A 151 3.63 -12.53 11.59
N LEU A 152 2.80 -12.13 10.62
CA LEU A 152 3.12 -12.24 9.20
C LEU A 152 2.81 -10.93 8.46
N CYS A 153 3.57 -10.65 7.43
CA CYS A 153 3.38 -9.45 6.64
C CYS A 153 3.22 -9.82 5.18
N MET A 154 2.15 -9.31 4.55
CA MET A 154 1.94 -9.53 3.12
C MET A 154 1.98 -8.20 2.41
N SER A 155 2.89 -8.10 1.45
CA SER A 155 3.28 -6.83 0.85
C SER A 155 2.94 -6.81 -0.64
N THR A 156 2.54 -5.63 -1.13
CA THR A 156 2.51 -5.33 -2.56
C THR A 156 3.96 -5.05 -3.01
N PRO A 157 4.22 -4.99 -4.32
CA PRO A 157 5.54 -4.57 -4.80
C PRO A 157 6.00 -3.18 -4.36
N SER A 158 5.13 -2.16 -4.38
CA SER A 158 5.57 -0.84 -3.89
C SER A 158 5.66 -0.82 -2.37
N GLY A 159 4.96 -1.74 -1.71
CA GLY A 159 5.10 -1.90 -0.28
C GLY A 159 6.41 -2.54 0.16
N THR A 160 7.17 -3.12 -0.78
CA THR A 160 8.39 -3.87 -0.42
C THR A 160 9.50 -3.03 0.21
N THR A 161 9.46 -1.73 -0.08
CA THR A 161 10.44 -0.78 0.47
C THR A 161 10.07 -0.35 1.89
N ALA A 162 8.92 -0.80 2.37
CA ALA A 162 8.36 -0.34 3.64
C ALA A 162 8.59 -1.42 4.70
N TYR A 163 7.52 -1.78 5.42
CA TYR A 163 7.58 -2.80 6.45
C TYR A 163 8.25 -4.13 6.02
N ASN A 164 7.86 -4.67 4.87
CA ASN A 164 8.55 -5.79 4.21
C ASN A 164 10.09 -5.71 4.26
N LYS A 165 10.63 -4.53 3.92
CA LYS A 165 12.07 -4.30 3.90
C LYS A 165 12.70 -4.55 5.26
N SER A 166 12.08 -3.98 6.30
CA SER A 166 12.56 -4.10 7.68
C SER A 166 12.51 -5.54 8.17
N LEU A 167 11.73 -6.37 7.49
CA LEU A 167 11.58 -7.76 7.89
C LEU A 167 12.49 -8.72 7.10
N GLY A 168 13.39 -8.16 6.29
CA GLY A 168 14.33 -8.96 5.51
C GLY A 168 13.79 -9.31 4.14
N GLY A 169 12.62 -8.79 3.81
CA GLY A 169 12.04 -9.00 2.48
C GLY A 169 12.84 -8.42 1.32
N ALA A 170 12.59 -8.97 0.13
CA ALA A 170 13.13 -8.46 -1.13
C ALA A 170 12.37 -7.23 -1.60
N LEU A 171 13.09 -6.34 -2.29
CA LEU A 171 12.45 -5.23 -3.00
C LEU A 171 12.10 -5.67 -4.40
N MET A 172 10.82 -5.55 -4.76
CA MET A 172 10.35 -5.99 -6.09
C MET A 172 9.93 -4.79 -6.94
N HIS A 173 10.33 -4.79 -8.21
CA HIS A 173 9.82 -3.82 -9.15
C HIS A 173 8.30 -3.94 -9.28
N PRO A 174 7.61 -2.82 -9.15
CA PRO A 174 6.13 -2.81 -9.09
C PRO A 174 5.40 -3.14 -10.39
N SER A 175 6.11 -3.29 -11.50
CA SER A 175 5.54 -3.86 -12.71
C SER A 175 5.28 -5.37 -12.59
N ILE A 176 5.79 -6.00 -11.53
CA ILE A 176 5.57 -7.42 -11.30
C ILE A 176 4.32 -7.57 -10.48
N GLU A 177 3.35 -8.31 -11.01
CA GLU A 177 2.06 -8.46 -10.36
C GLU A 177 2.19 -9.59 -9.36
N ALA A 178 2.53 -9.24 -8.13
CA ALA A 178 2.88 -10.24 -7.12
C ALA A 178 2.61 -9.72 -5.71
N MET A 179 2.75 -10.60 -4.73
CA MET A 179 2.69 -10.21 -3.33
C MET A 179 3.74 -11.01 -2.60
N GLN A 180 4.27 -10.46 -1.51
CA GLN A 180 5.38 -11.09 -0.84
C GLN A 180 5.07 -11.26 0.64
N LEU A 181 5.28 -12.47 1.14
CA LEU A 181 4.99 -12.78 2.53
C LEU A 181 6.28 -12.91 3.29
N THR A 182 6.41 -12.13 4.37
CA THR A 182 7.54 -12.23 5.31
C THR A 182 7.11 -12.64 6.72
N GLU A 183 8.05 -13.24 7.45
CA GLU A 183 7.86 -13.68 8.82
C GLU A 183 8.29 -12.60 9.79
N MET A 184 7.58 -12.52 10.93
CA MET A 184 8.07 -11.72 12.05
C MET A 184 8.47 -12.71 13.14
N ALA A 185 9.76 -12.71 13.48
CA ALA A 185 10.28 -13.54 14.56
C ALA A 185 9.63 -14.95 14.65
N SER A 186 9.88 -15.83 13.68
CA SER A 186 9.35 -17.18 13.79
C SER A 186 10.19 -18.04 14.74
N ILE A 187 9.50 -18.88 15.50
CA ILE A 187 10.17 -19.91 16.31
C ILE A 187 10.49 -21.07 15.39
N ASN A 188 11.75 -21.46 15.39
CA ASN A 188 12.17 -22.69 14.75
C ASN A 188 13.02 -23.49 15.67
N ASN A 189 12.60 -24.71 15.91
CA ASN A 189 13.44 -25.67 16.60
C ASN A 189 13.29 -27.05 15.95
N ARG A 190 13.69 -28.11 16.66
CA ARG A 190 13.50 -29.48 16.19
C ARG A 190 12.01 -29.87 16.12
N VAL A 191 11.17 -29.17 16.87
CA VAL A 191 9.72 -29.35 16.84
C VAL A 191 9.08 -28.46 15.78
N TYR A 192 9.17 -27.14 15.98
CA TYR A 192 8.45 -26.14 15.16
C TYR A 192 9.27 -25.60 14.00
N ARG A 193 8.63 -25.49 12.82
CA ARG A 193 9.34 -25.26 11.56
C ARG A 193 8.61 -24.35 10.59
N THR A 194 9.23 -23.25 10.20
CA THR A 194 8.69 -22.43 9.13
C THR A 194 9.69 -22.37 7.99
N ILE A 195 9.27 -21.83 6.86
CA ILE A 195 10.15 -21.72 5.69
C ILE A 195 11.33 -20.77 5.93
N GLY A 196 11.13 -19.76 6.77
CA GLY A 196 12.22 -18.86 7.17
C GLY A 196 12.86 -18.13 5.99
N SER A 197 12.03 -17.76 5.04
CA SER A 197 12.42 -17.15 3.77
C SER A 197 11.18 -16.40 3.30
N PRO A 198 11.34 -15.19 2.77
CA PRO A 198 10.21 -14.51 2.14
C PRO A 198 9.65 -15.37 1.00
N LEU A 199 8.35 -15.29 0.80
CA LEU A 199 7.70 -16.01 -0.29
C LEU A 199 7.05 -14.99 -1.21
N VAL A 200 7.35 -15.10 -2.50
CA VAL A 200 6.77 -14.23 -3.54
C VAL A 200 5.76 -14.99 -4.39
N PHE A 201 4.53 -14.48 -4.41
CA PHE A 201 3.37 -15.14 -5.05
C PHE A 201 2.88 -14.41 -6.28
N PRO A 202 2.56 -15.16 -7.35
CA PRO A 202 2.03 -14.54 -8.56
C PRO A 202 0.56 -14.16 -8.38
N LYS A 203 0.00 -13.49 -9.37
CA LYS A 203 -1.43 -13.21 -9.43
C LYS A 203 -2.17 -14.54 -9.46
N HIS A 204 -3.32 -14.60 -8.78
CA HIS A 204 -4.19 -15.80 -8.75
C HIS A 204 -3.82 -16.85 -7.70
N HIS A 205 -2.63 -16.76 -7.13
CA HIS A 205 -2.30 -17.58 -5.99
C HIS A 205 -2.99 -17.01 -4.75
N VAL A 206 -3.51 -17.91 -3.91
CA VAL A 206 -4.25 -17.52 -2.71
C VAL A 206 -3.55 -18.06 -1.46
N VAL A 207 -3.13 -17.15 -0.60
CA VAL A 207 -2.54 -17.51 0.69
C VAL A 207 -3.61 -17.31 1.75
N SER A 208 -3.86 -18.39 2.48
CA SER A 208 -4.90 -18.46 3.47
C SER A 208 -4.28 -18.70 4.85
N LEU A 209 -4.63 -17.89 5.84
CA LEU A 209 -4.21 -18.14 7.23
C LEU A 209 -5.40 -18.61 8.05
N GLN A 210 -5.19 -19.68 8.81
CA GLN A 210 -6.25 -20.26 9.61
C GLN A 210 -5.82 -20.47 11.06
N PRO A 211 -6.68 -20.08 11.99
CA PRO A 211 -6.34 -20.13 13.41
C PRO A 211 -6.10 -21.57 13.86
N VAL A 212 -5.23 -21.72 14.85
CA VAL A 212 -4.99 -23.04 15.45
C VAL A 212 -5.73 -23.04 16.77
N ASN A 213 -5.70 -21.91 17.47
CA ASN A 213 -6.33 -21.83 18.79
C ASN A 213 -7.70 -21.10 18.99
N ASP A 214 -7.81 -19.95 19.66
CA ASP A 214 -7.23 -18.63 19.38
C ASP A 214 -7.51 -18.06 18.02
N LYS A 215 -8.63 -17.34 17.99
CA LYS A 215 -9.23 -16.84 16.78
C LYS A 215 -9.28 -15.30 16.75
N ASP A 216 -8.68 -14.65 17.76
CA ASP A 216 -8.53 -13.18 17.75
C ASP A 216 -7.18 -12.72 17.19
N PHE A 217 -7.22 -11.74 16.28
CA PHE A 217 -6.01 -11.23 15.61
C PHE A 217 -6.04 -9.72 15.43
N GLN A 218 -4.92 -9.07 15.70
CA GLN A 218 -4.71 -7.70 15.31
C GLN A 218 -4.31 -7.69 13.83
N ILE A 219 -5.21 -7.22 12.97
CA ILE A 219 -4.92 -7.14 11.53
C ILE A 219 -4.73 -5.70 11.07
N SER A 220 -3.61 -5.44 10.37
CA SER A 220 -3.31 -4.10 9.86
C SER A 220 -3.47 -4.09 8.34
N VAL A 221 -3.96 -2.98 7.80
CA VAL A 221 -3.95 -2.74 6.36
C VAL A 221 -3.32 -1.36 6.22
N ASP A 222 -2.11 -1.29 5.68
CA ASP A 222 -1.39 -0.02 5.63
C ASP A 222 -1.40 0.59 7.04
N HIS A 223 -1.94 1.80 7.21
CA HIS A 223 -1.95 2.42 8.54
C HIS A 223 -3.03 1.92 9.51
N LEU A 224 -4.14 1.43 8.97
CA LEU A 224 -5.27 0.99 9.77
C LEU A 224 -4.98 -0.33 10.48
N SER A 225 -5.30 -0.41 11.77
CA SER A 225 -5.00 -1.57 12.61
C SER A 225 -6.18 -1.86 13.53
N ILE A 226 -6.88 -2.95 13.26
CA ILE A 226 -8.02 -3.36 14.07
C ILE A 226 -7.99 -4.81 14.54
N LEU A 227 -8.45 -4.99 15.76
CA LEU A 227 -8.59 -6.32 16.32
C LEU A 227 -9.83 -6.98 15.75
N HIS A 228 -9.63 -8.10 15.07
CA HIS A 228 -10.74 -8.88 14.58
C HIS A 228 -10.99 -10.07 15.50
N ARG A 229 -12.25 -10.27 15.85
CA ARG A 229 -12.63 -11.34 16.75
C ARG A 229 -13.38 -12.45 16.01
N ASP A 230 -13.17 -13.69 16.47
CA ASP A 230 -13.82 -14.89 15.94
C ASP A 230 -13.56 -15.06 14.43
N VAL A 231 -12.27 -14.95 14.08
CA VAL A 231 -11.77 -15.12 12.73
C VAL A 231 -11.68 -16.60 12.38
N GLN A 232 -12.15 -16.95 11.19
CA GLN A 232 -12.03 -18.31 10.67
C GLN A 232 -10.92 -18.40 9.63
N GLU A 233 -10.64 -17.28 8.97
CA GLU A 233 -9.74 -17.24 7.83
C GLU A 233 -9.32 -15.81 7.49
N ILE A 234 -8.03 -15.65 7.19
CA ILE A 234 -7.56 -14.45 6.52
C ILE A 234 -7.02 -14.90 5.18
N ARG A 235 -7.42 -14.21 4.12
CA ARG A 235 -7.14 -14.65 2.77
C ARG A 235 -6.44 -13.53 1.99
N TYR A 236 -5.30 -13.84 1.39
CA TYR A 236 -4.48 -12.88 0.63
C TYR A 236 -4.38 -13.23 -0.83
N GLU A 237 -4.51 -12.20 -1.68
CA GLU A 237 -4.31 -12.36 -3.11
C GLU A 237 -4.03 -11.04 -3.80
N VAL A 238 -3.31 -11.10 -4.92
CA VAL A 238 -3.09 -9.91 -5.71
C VAL A 238 -4.46 -9.45 -6.21
N SER A 239 -4.78 -8.20 -5.88
CA SER A 239 -6.04 -7.60 -6.25
C SER A 239 -6.16 -7.44 -7.77
N ALA A 240 -7.40 -7.50 -8.26
CA ALA A 240 -7.69 -7.24 -9.66
C ALA A 240 -7.65 -5.73 -9.91
N LYS A 241 -7.75 -4.95 -8.83
CA LYS A 241 -7.74 -3.49 -8.92
C LYS A 241 -6.31 -2.97 -8.84
N LYS A 242 -6.04 -1.86 -9.50
CA LYS A 242 -4.71 -1.24 -9.51
C LYS A 242 -4.83 0.27 -9.20
N ILE A 243 -3.80 0.82 -8.57
CA ILE A 243 -3.70 2.28 -8.37
C ILE A 243 -3.05 2.86 -9.63
N HIS A 244 -3.52 4.03 -10.06
CA HIS A 244 -2.94 4.72 -11.20
C HIS A 244 -2.28 6.01 -10.76
N PHE A 245 -1.05 6.20 -11.23
CA PHE A 245 -0.27 7.42 -10.97
C PHE A 245 -0.18 8.28 -12.21
N ALA A 246 -0.29 9.59 -12.02
CA ALA A 246 0.02 10.55 -13.07
C ALA A 246 1.49 10.94 -12.98
N ARG A 247 2.15 10.97 -14.12
CA ARG A 247 3.45 11.65 -14.28
C ARG A 247 3.78 11.57 -15.76
N PHE A 248 4.72 12.35 -16.32
CA PHE A 248 5.10 13.76 -16.04
C PHE A 248 6.59 13.90 -16.29
N ARG A 249 7.37 13.03 -15.65
CA ARG A 249 8.78 12.86 -15.96
C ARG A 249 9.19 11.43 -15.64
N SER A 250 10.34 11.00 -16.18
CA SER A 250 10.97 9.76 -15.75
C SER A 250 11.49 9.93 -14.32
N PHE A 251 11.01 9.07 -13.42
CA PHE A 251 11.63 8.89 -12.11
C PHE A 251 11.55 7.40 -11.80
N PRO A 252 12.52 6.63 -12.30
CA PRO A 252 12.47 5.17 -12.19
C PRO A 252 12.50 4.64 -10.76
N PHE A 253 11.71 3.59 -10.52
CA PHE A 253 11.65 2.90 -9.20
C PHE A 253 13.01 2.65 -8.58
N TRP A 254 13.95 2.10 -9.35
CA TRP A 254 15.29 1.80 -8.82
C TRP A 254 16.07 3.07 -8.44
N ARG A 255 15.88 4.15 -9.20
CA ARG A 255 16.38 5.47 -8.80
C ARG A 255 15.74 5.95 -7.50
N ARG A 256 14.42 5.81 -7.41
CA ARG A 256 13.67 6.13 -6.20
C ARG A 256 14.19 5.34 -4.97
N VAL A 257 14.45 4.07 -5.16
CA VAL A 257 15.06 3.19 -4.15
C VAL A 257 16.46 3.68 -3.79
N HIS A 258 17.24 4.09 -4.79
CA HIS A 258 18.60 4.57 -4.56
C HIS A 258 18.58 5.87 -3.73
N ASP A 259 17.70 6.79 -4.13
CA ASP A 259 17.58 8.09 -3.50
C ASP A 259 17.15 7.98 -2.04
N SER A 260 16.31 6.99 -1.73
CA SER A 260 15.78 6.80 -0.38
C SER A 260 16.71 6.02 0.56
N PHE A 261 17.51 5.11 0.02
CA PHE A 261 18.29 4.18 0.85
C PHE A 261 19.82 4.28 0.73
N ILE A 262 20.33 4.75 -0.42
CA ILE A 262 21.78 4.81 -0.62
C ILE A 262 22.37 6.22 -0.38
N GLU A 263 21.95 7.21 -1.17
CA GLU A 263 22.42 8.59 -0.99
C GLU A 263 21.42 9.59 -1.54
PA A2D B . 4.94 5.94 9.06
O1A A2D B . 4.95 7.01 7.85
O2A A2D B . 5.13 6.15 10.43
O3A A2D B . 3.77 5.45 8.73
PB A2D B . 2.56 5.95 8.09
O1B A2D B . 1.44 6.32 9.00
O2B A2D B . 2.59 6.66 6.76
O5D A2D B . 5.89 4.81 8.44
C5D A2D B . 7.29 4.81 8.73
C4D A2D B . 8.04 5.17 7.47
O4D A2D B . 7.56 4.38 6.39
C3D A2D B . 7.86 6.62 7.05
O3D A2D B . 9.12 7.28 7.17
C2D A2D B . 7.35 6.57 5.61
O2D A2D B . 8.00 7.54 4.76
C1D A2D B . 7.72 5.16 5.21
N9A A2D B . 6.94 4.54 4.12
C8A A2D B . 5.60 4.48 3.94
N7A A2D B . 5.36 3.82 2.79
C5A A2D B . 6.56 3.45 2.25
C6A A2D B . 6.97 2.75 1.10
N6A A2D B . 6.10 2.24 0.19
N1A A2D B . 8.30 2.57 0.89
C2A A2D B . 9.22 3.04 1.74
N3A A2D B . 8.87 3.71 2.84
C4A A2D B . 7.55 3.91 3.10
O5E A2D B . 2.10 4.58 7.42
C5E A2D B . 2.52 3.35 7.98
C4E A2D B . 3.49 2.67 7.04
O4E A2D B . 4.68 2.32 7.70
C3E A2D B . 2.90 1.37 6.56
O3E A2D B . 3.51 1.13 5.31
C2E A2D B . 3.52 0.35 7.43
O2E A2D B . 3.55 -0.81 6.63
C1E A2D B . 4.92 0.93 7.59
N9B A2D B . 5.57 0.42 8.82
C8B A2D B . 4.98 0.22 9.98
N7B A2D B . 5.87 -0.25 10.87
C5B A2D B . 7.05 -0.33 10.24
C6B A2D B . 8.31 -0.74 10.65
N6B A2D B . 8.55 -1.16 11.90
N1B A2D B . 9.31 -0.70 9.76
C2B A2D B . 9.09 -0.29 8.52
N3B A2D B . 7.89 0.11 8.10
C4B A2D B . 6.85 0.09 8.95
C1 CIT C . 10.64 2.14 -13.11
O1 CIT C . 11.61 1.40 -13.29
O2 CIT C . 10.61 2.64 -11.99
C2 CIT C . 9.56 2.46 -14.13
C3 CIT C . 8.18 2.86 -13.54
O7 CIT C . 7.26 1.75 -13.82
C4 CIT C . 7.67 4.19 -14.11
C5 CIT C . 7.15 4.13 -15.54
O3 CIT C . 7.10 5.19 -16.23
O4 CIT C . 6.74 3.05 -16.06
C6 CIT C . 8.10 3.08 -12.03
O5 CIT C . 7.53 2.24 -11.29
O6 CIT C . 8.56 4.10 -11.46
#